data_6V3M
#
_entry.id   6V3M
#
_cell.length_a   117.310
_cell.length_b   67.550
_cell.length_c   60.570
_cell.angle_alpha   90.000
_cell.angle_beta   96.317
_cell.angle_gamma   90.000
#
_symmetry.space_group_name_H-M   'C 1 2 1'
#
loop_
_entity.id
_entity.type
_entity.pdbx_description
1 polymer '2-C-methyl-D-erythritol 2,4-cyclodiphosphate synthase'
2 non-polymer 'ZINC ION'
3 non-polymer 5-{[(propan-2-yl)carbamoyl]amino}-1,3,4-thiadiazole-2-sulfonamide
4 non-polymer 'DIMETHYL SULFOXIDE'
5 non-polymer 1,2-ETHANEDIOL
6 non-polymer D-MALATE
7 water water
#
_entity_poly.entity_id   1
_entity_poly.type   'polypeptide(L)'
_entity_poly.pdbx_seq_one_letter_code
;MAHHHHHHMGTLEAQTQGPGSMDFRIGQGYDVHQLVPGRPLIIGGVTIPYERGLLGHSDADVLLHAITDALFGAAALGDI
GRHFSDTDPRFKGADSRALLRECASRVAQAGFAIRNVDSTIIAQAPKLAPHIDAMRANIAADLDLPLDRVNVKAKTNEKL
GYLGRGEGIEAQAAALVVREAAA
;
_entity_poly.pdbx_strand_id   A,B,C
#
# COMPACT_ATOMS: atom_id res chain seq x y z
N SER A 21 -4.50 -5.23 25.63
CA SER A 21 -5.13 -3.98 25.22
C SER A 21 -4.22 -3.26 24.22
N MET A 22 -2.98 -3.77 24.04
CA MET A 22 -1.97 -3.14 23.18
C MET A 22 -1.41 -4.11 22.15
N ASP A 23 -2.09 -5.22 21.89
CA ASP A 23 -1.65 -6.18 20.87
C ASP A 23 -2.26 -5.78 19.51
N PHE A 24 -1.72 -4.69 18.97
CA PHE A 24 -2.14 -4.17 17.68
C PHE A 24 -1.53 -4.95 16.52
N ARG A 25 -2.26 -4.98 15.41
CA ARG A 25 -1.80 -5.60 14.18
C ARG A 25 -2.27 -4.77 12.99
N ILE A 26 -1.46 -4.75 11.95
CA ILE A 26 -1.87 -4.07 10.70
C ILE A 26 -2.04 -5.04 9.55
N GLY A 27 -2.94 -4.68 8.64
CA GLY A 27 -3.14 -5.45 7.43
C GLY A 27 -3.24 -4.52 6.24
N GLN A 28 -3.00 -5.08 5.07
CA GLN A 28 -3.08 -4.31 3.83
C GLN A 28 -3.77 -5.15 2.76
N GLY A 29 -4.49 -4.47 1.89
CA GLY A 29 -5.19 -5.17 0.84
C GLY A 29 -5.11 -4.45 -0.49
N TYR A 30 -5.24 -5.25 -1.55
CA TYR A 30 -5.21 -4.76 -2.93
C TYR A 30 -6.20 -5.56 -3.75
N ASP A 31 -6.88 -4.90 -4.69
CA ASP A 31 -7.65 -5.65 -5.66
C ASP A 31 -7.84 -4.83 -6.92
N VAL A 32 -8.11 -5.53 -8.04
CA VAL A 32 -8.44 -4.87 -9.29
C VAL A 32 -9.47 -5.75 -10.01
N HIS A 33 -10.36 -5.11 -10.77
CA HIS A 33 -11.24 -5.84 -11.67
C HIS A 33 -11.39 -5.08 -12.97
N GLN A 34 -11.61 -5.84 -14.05
CA GLN A 34 -11.91 -5.27 -15.36
C GLN A 34 -13.26 -4.57 -15.34
N LEU A 35 -13.35 -3.48 -16.11
CA LEU A 35 -14.60 -2.82 -16.45
C LEU A 35 -15.12 -3.33 -17.79
N VAL A 36 -16.37 -3.77 -17.81
CA VAL A 36 -16.94 -4.37 -19.03
C VAL A 36 -18.38 -3.94 -19.16
N PRO A 37 -18.91 -3.93 -20.40
CA PRO A 37 -20.34 -3.68 -20.56
C PRO A 37 -21.17 -4.81 -19.95
N GLY A 38 -22.40 -4.48 -19.56
CA GLY A 38 -23.37 -5.49 -19.21
C GLY A 38 -23.30 -6.00 -17.78
N ARG A 39 -22.52 -5.35 -16.92
CA ARG A 39 -22.34 -5.69 -15.52
C ARG A 39 -22.77 -4.51 -14.67
N PRO A 40 -23.37 -4.77 -13.50
CA PRO A 40 -23.58 -3.68 -12.53
C PRO A 40 -22.25 -3.13 -12.05
N LEU A 41 -22.17 -1.80 -11.85
CA LEU A 41 -21.00 -1.18 -11.22
C LEU A 41 -21.31 -1.03 -9.73
N ILE A 42 -20.70 -1.87 -8.90
CA ILE A 42 -20.95 -1.86 -7.47
C ILE A 42 -19.61 -1.65 -6.78
N ILE A 43 -19.46 -0.52 -6.09
CA ILE A 43 -18.21 -0.21 -5.40
C ILE A 43 -18.57 0.25 -4.00
N GLY A 44 -17.93 -0.34 -2.98
CA GLY A 44 -18.28 0.06 -1.61
C GLY A 44 -19.74 -0.22 -1.28
N GLY A 45 -20.31 -1.23 -1.93
CA GLY A 45 -21.71 -1.56 -1.72
C GLY A 45 -22.67 -0.70 -2.48
N VAL A 46 -22.18 0.33 -3.20
CA VAL A 46 -23.05 1.31 -3.85
C VAL A 46 -23.23 0.93 -5.31
N THR A 47 -24.48 0.84 -5.77
CA THR A 47 -24.76 0.59 -7.18
C THR A 47 -24.71 1.94 -7.88
N ILE A 48 -23.71 2.13 -8.72
CA ILE A 48 -23.42 3.42 -9.35
C ILE A 48 -23.90 3.39 -10.79
N PRO A 49 -24.71 4.36 -11.24
CA PRO A 49 -25.13 4.40 -12.64
C PRO A 49 -23.92 4.53 -13.56
N TYR A 50 -23.84 3.63 -14.54
CA TYR A 50 -22.70 3.61 -15.45
C TYR A 50 -22.95 2.55 -16.50
N GLU A 51 -22.46 2.81 -17.71
CA GLU A 51 -22.70 1.90 -18.83
C GLU A 51 -21.88 0.62 -18.73
N ARG A 52 -20.87 0.59 -17.87
CA ARG A 52 -20.05 -0.59 -17.63
C ARG A 52 -20.09 -0.95 -16.15
N GLY A 53 -19.62 -2.15 -15.83
CA GLY A 53 -19.51 -2.58 -14.45
C GLY A 53 -18.31 -3.49 -14.28
N LEU A 54 -18.06 -3.92 -13.04
CA LEU A 54 -16.84 -4.71 -12.79
C LEU A 54 -17.13 -6.18 -13.00
N LEU A 55 -16.15 -6.88 -13.58
CA LEU A 55 -16.29 -8.28 -13.96
C LEU A 55 -15.68 -9.17 -12.89
N GLY A 56 -16.46 -10.14 -12.41
CA GLY A 56 -15.93 -11.10 -11.45
C GLY A 56 -16.98 -12.16 -11.21
N HIS A 57 -16.59 -13.18 -10.45
N HIS A 57 -16.59 -13.19 -10.48
CA HIS A 57 -17.56 -14.22 -10.12
CA HIS A 57 -17.54 -14.24 -10.11
C HIS A 57 -18.58 -13.70 -9.13
C HIS A 57 -18.57 -13.70 -9.12
N SER A 58 -18.11 -12.94 -8.13
CA SER A 58 -18.99 -12.24 -7.19
C SER A 58 -19.54 -10.99 -7.87
N ASP A 59 -20.17 -10.09 -7.09
CA ASP A 59 -20.49 -8.78 -7.66
C ASP A 59 -19.26 -7.93 -7.97
N ALA A 60 -18.05 -8.41 -7.67
CA ALA A 60 -16.79 -7.80 -8.14
C ALA A 60 -16.53 -6.46 -7.50
N ASP A 61 -17.01 -6.28 -6.25
CA ASP A 61 -16.83 -5.01 -5.55
C ASP A 61 -15.39 -4.87 -5.11
N VAL A 62 -14.59 -4.21 -5.95
CA VAL A 62 -13.14 -4.15 -5.75
C VAL A 62 -12.75 -3.49 -4.42
N LEU A 63 -13.54 -2.50 -3.98
CA LEU A 63 -13.20 -1.82 -2.73
C LEU A 63 -13.43 -2.75 -1.55
N LEU A 64 -14.62 -3.39 -1.49
CA LEU A 64 -14.88 -4.29 -0.36
C LEU A 64 -13.89 -5.46 -0.36
N HIS A 65 -13.50 -5.95 -1.53
CA HIS A 65 -12.54 -7.07 -1.54
C HIS A 65 -11.21 -6.62 -0.96
N ALA A 66 -10.73 -5.41 -1.33
CA ALA A 66 -9.46 -4.97 -0.77
C ALA A 66 -9.53 -4.80 0.72
N ILE A 67 -10.65 -4.27 1.23
CA ILE A 67 -10.79 -4.11 2.69
C ILE A 67 -10.86 -5.48 3.37
N THR A 68 -11.61 -6.42 2.76
CA THR A 68 -11.71 -7.78 3.30
C THR A 68 -10.32 -8.39 3.44
N ASP A 69 -9.50 -8.25 2.40
CA ASP A 69 -8.14 -8.79 2.44
C ASP A 69 -7.29 -8.12 3.52
N ALA A 70 -7.40 -6.80 3.70
CA ALA A 70 -6.67 -6.14 4.77
C ALA A 70 -7.06 -6.66 6.15
N LEU A 71 -8.34 -6.93 6.35
CA LEU A 71 -8.80 -7.44 7.65
C LEU A 71 -8.34 -8.87 7.89
N PHE A 72 -8.50 -9.78 6.91
CA PHE A 72 -7.92 -11.11 7.07
C PHE A 72 -6.43 -11.03 7.30
N GLY A 73 -5.74 -10.10 6.63
CA GLY A 73 -4.30 -10.08 6.76
C GLY A 73 -3.85 -9.56 8.12
N ALA A 74 -4.56 -8.58 8.67
CA ALA A 74 -4.22 -8.08 10.00
C ALA A 74 -4.43 -9.13 11.06
N ALA A 75 -5.42 -10.01 10.87
CA ALA A 75 -5.66 -11.09 11.83
C ALA A 75 -4.84 -12.36 11.53
N ALA A 76 -4.00 -12.34 10.49
CA ALA A 76 -3.21 -13.50 10.04
C ALA A 76 -4.10 -14.70 9.75
N LEU A 77 -5.21 -14.43 9.04
CA LEU A 77 -6.18 -15.47 8.69
C LEU A 77 -6.12 -15.83 7.21
N GLY A 78 -5.05 -15.48 6.53
CA GLY A 78 -4.91 -15.81 5.12
C GLY A 78 -5.50 -14.71 4.28
N ASP A 79 -6.35 -15.07 3.32
CA ASP A 79 -6.84 -14.07 2.36
C ASP A 79 -8.25 -14.42 1.90
N ILE A 80 -8.77 -13.54 1.05
CA ILE A 80 -10.17 -13.63 0.67
C ILE A 80 -10.41 -14.90 -0.14
N GLY A 81 -9.44 -15.31 -0.97
CA GLY A 81 -9.58 -16.55 -1.74
C GLY A 81 -9.65 -17.79 -0.87
N ARG A 82 -8.91 -17.79 0.24
CA ARG A 82 -8.97 -18.91 1.19
C ARG A 82 -10.35 -19.02 1.79
N HIS A 83 -10.96 -17.89 2.12
CA HIS A 83 -12.19 -17.91 2.89
C HIS A 83 -13.43 -18.02 2.04
N PHE A 84 -13.39 -17.53 0.80
CA PHE A 84 -14.59 -17.50 -0.03
C PHE A 84 -14.27 -17.97 -1.44
N SER A 85 -14.66 -19.21 -1.77
CA SER A 85 -14.48 -19.74 -3.13
C SER A 85 -14.91 -18.72 -4.19
N ASP A 86 -14.01 -18.40 -5.10
CA ASP A 86 -14.35 -17.57 -6.25
C ASP A 86 -14.86 -18.37 -7.44
N THR A 87 -15.20 -19.64 -7.25
CA THR A 87 -15.65 -20.49 -8.34
C THR A 87 -16.97 -21.22 -8.09
N ASP A 88 -17.49 -21.20 -6.86
CA ASP A 88 -18.69 -21.98 -6.51
C ASP A 88 -19.92 -21.44 -7.23
N PRO A 89 -20.53 -22.20 -8.14
CA PRO A 89 -21.64 -21.65 -8.94
C PRO A 89 -22.81 -21.16 -8.10
N ARG A 90 -23.01 -21.69 -6.90
CA ARG A 90 -24.05 -21.14 -6.04
C ARG A 90 -23.77 -19.70 -5.67
N PHE A 91 -22.50 -19.30 -5.66
CA PHE A 91 -22.10 -17.97 -5.20
C PHE A 91 -21.93 -16.96 -6.32
N LYS A 92 -22.20 -17.33 -7.56
CA LYS A 92 -22.13 -16.35 -8.63
C LYS A 92 -22.97 -15.14 -8.23
N GLY A 93 -22.40 -13.95 -8.39
CA GLY A 93 -23.09 -12.74 -8.07
C GLY A 93 -23.14 -12.37 -6.60
N ALA A 94 -22.36 -13.04 -5.75
CA ALA A 94 -22.39 -12.79 -4.30
C ALA A 94 -22.25 -11.32 -3.92
N ASP A 95 -23.05 -10.94 -2.93
CA ASP A 95 -23.01 -9.63 -2.32
C ASP A 95 -21.73 -9.49 -1.52
N SER A 96 -20.81 -8.61 -1.97
CA SER A 96 -19.56 -8.51 -1.25
C SER A 96 -19.72 -7.86 0.12
N ARG A 97 -20.85 -7.20 0.42
CA ARG A 97 -21.04 -6.73 1.79
C ARG A 97 -21.30 -7.91 2.72
N ALA A 98 -22.01 -8.94 2.24
CA ALA A 98 -22.20 -10.13 3.06
C ALA A 98 -20.86 -10.81 3.31
N LEU A 99 -19.99 -10.83 2.31
CA LEU A 99 -18.67 -11.38 2.51
C LEU A 99 -17.88 -10.54 3.51
N LEU A 100 -17.96 -9.21 3.40
CA LEU A 100 -17.24 -8.36 4.36
C LEU A 100 -17.74 -8.59 5.78
N ARG A 101 -19.07 -8.76 5.95
CA ARG A 101 -19.56 -9.00 7.29
C ARG A 101 -19.10 -10.34 7.83
N GLU A 102 -19.00 -11.37 6.98
CA GLU A 102 -18.53 -12.67 7.46
C GLU A 102 -17.04 -12.61 7.79
N CYS A 103 -16.28 -11.87 6.97
CA CYS A 103 -14.88 -11.61 7.30
C CYS A 103 -14.77 -10.98 8.69
N ALA A 104 -15.54 -9.91 8.93
CA ALA A 104 -15.49 -9.25 10.23
C ALA A 104 -15.88 -10.20 11.34
N SER A 105 -16.85 -11.09 11.09
CA SER A 105 -17.25 -12.06 12.10
C SER A 105 -16.11 -13.01 12.41
N ARG A 106 -15.35 -13.43 11.39
CA ARG A 106 -14.26 -14.37 11.64
C ARG A 106 -13.08 -13.67 12.32
N VAL A 107 -12.83 -12.42 11.95
CA VAL A 107 -11.79 -11.63 12.61
C VAL A 107 -12.13 -11.45 14.09
N ALA A 108 -13.39 -11.13 14.39
CA ALA A 108 -13.84 -11.09 15.79
C ALA A 108 -13.68 -12.45 16.48
N GLN A 109 -14.08 -13.54 15.80
CA GLN A 109 -13.97 -14.86 16.40
C GLN A 109 -12.52 -15.22 16.69
N ALA A 110 -11.60 -14.70 15.89
CA ALA A 110 -10.17 -14.89 16.13
C ALA A 110 -9.66 -14.06 17.30
N GLY A 111 -10.48 -13.15 17.81
CA GLY A 111 -10.15 -12.38 18.99
C GLY A 111 -9.80 -10.92 18.77
N PHE A 112 -10.04 -10.39 17.57
CA PHE A 112 -9.60 -9.06 17.21
C PHE A 112 -10.76 -8.09 17.12
N ALA A 113 -10.52 -6.87 17.59
CA ALA A 113 -11.42 -5.76 17.38
C ALA A 113 -10.84 -4.84 16.32
N ILE A 114 -11.71 -4.29 15.45
CA ILE A 114 -11.23 -3.39 14.40
C ILE A 114 -11.15 -1.99 14.94
N ARG A 115 -9.99 -1.32 14.74
CA ARG A 115 -9.84 0.07 15.18
C ARG A 115 -10.06 1.08 14.05
N ASN A 116 -9.57 0.82 12.85
CA ASN A 116 -9.91 1.71 11.74
C ASN A 116 -9.59 1.05 10.41
N VAL A 117 -10.21 1.58 9.37
CA VAL A 117 -9.97 1.20 7.98
CA VAL A 117 -9.86 1.20 8.00
C VAL A 117 -9.72 2.46 7.16
N ASP A 118 -8.75 2.41 6.25
CA ASP A 118 -8.51 3.43 5.25
C ASP A 118 -8.43 2.75 3.89
N SER A 119 -8.75 3.47 2.81
CA SER A 119 -8.79 2.83 1.51
C SER A 119 -8.69 3.90 0.42
N THR A 120 -8.32 3.44 -0.80
CA THR A 120 -8.29 4.31 -1.98
C THR A 120 -8.89 3.54 -3.15
N ILE A 121 -9.71 4.21 -3.96
CA ILE A 121 -10.20 3.68 -5.21
C ILE A 121 -9.51 4.45 -6.32
N ILE A 122 -9.02 3.76 -7.35
CA ILE A 122 -8.34 4.43 -8.48
C ILE A 122 -9.13 4.11 -9.74
N ALA A 123 -9.67 5.15 -10.38
CA ALA A 123 -10.48 4.95 -11.57
C ALA A 123 -10.47 6.20 -12.44
N GLN A 124 -10.58 5.97 -13.75
CA GLN A 124 -10.70 7.08 -14.69
C GLN A 124 -12.10 7.66 -14.66
N ALA A 125 -13.10 6.81 -14.40
CA ALA A 125 -14.51 7.15 -14.53
C ALA A 125 -15.29 6.02 -13.91
N PRO A 126 -16.53 6.26 -13.50
CA PRO A 126 -17.21 7.54 -13.45
C PRO A 126 -16.72 8.39 -12.28
N LYS A 127 -17.30 9.57 -12.12
CA LYS A 127 -16.99 10.38 -10.96
C LYS A 127 -17.50 9.71 -9.70
N LEU A 128 -16.61 9.51 -8.72
CA LEU A 128 -17.01 8.79 -7.52
C LEU A 128 -17.28 9.69 -6.33
N ALA A 129 -16.90 10.97 -6.39
CA ALA A 129 -17.16 11.90 -5.28
C ALA A 129 -18.60 11.85 -4.75
N PRO A 130 -19.64 11.84 -5.59
CA PRO A 130 -21.02 11.79 -5.07
C PRO A 130 -21.36 10.53 -4.32
N HIS A 131 -20.51 9.50 -4.36
CA HIS A 131 -20.85 8.19 -3.80
C HIS A 131 -19.99 7.81 -2.60
N ILE A 132 -18.92 8.57 -2.33
CA ILE A 132 -17.92 8.15 -1.34
CA ILE A 132 -17.93 8.14 -1.35
C ILE A 132 -18.54 8.09 0.05
N ASP A 133 -19.36 9.07 0.41
CA ASP A 133 -19.91 9.03 1.77
C ASP A 133 -20.81 7.81 1.96
N ALA A 134 -21.54 7.44 0.91
CA ALA A 134 -22.39 6.25 1.00
C ALA A 134 -21.57 4.99 1.14
N MET A 135 -20.44 4.93 0.44
CA MET A 135 -19.53 3.79 0.60
C MET A 135 -19.02 3.72 2.01
N ARG A 136 -18.61 4.86 2.55
CA ARG A 136 -18.08 4.89 3.92
CA ARG A 136 -18.08 4.90 3.91
C ARG A 136 -19.12 4.40 4.91
N ALA A 137 -20.37 4.84 4.76
CA ALA A 137 -21.43 4.40 5.66
C ALA A 137 -21.69 2.91 5.52
N ASN A 138 -21.60 2.35 4.30
CA ASN A 138 -21.81 0.90 4.14
C ASN A 138 -20.72 0.12 4.87
N ILE A 139 -19.48 0.56 4.72
CA ILE A 139 -18.38 -0.17 5.30
C ILE A 139 -18.47 -0.08 6.82
N ALA A 140 -18.75 1.12 7.33
CA ALA A 140 -18.92 1.31 8.78
C ALA A 140 -20.03 0.42 9.31
N ALA A 141 -21.17 0.35 8.62
CA ALA A 141 -22.25 -0.53 9.09
C ALA A 141 -21.80 -1.99 9.13
N ASP A 142 -21.12 -2.43 8.07
CA ASP A 142 -20.73 -3.83 7.95
C ASP A 142 -19.70 -4.22 8.98
N LEU A 143 -18.84 -3.27 9.40
CA LEU A 143 -17.79 -3.54 10.37
C LEU A 143 -18.20 -3.14 11.77
N ASP A 144 -19.44 -2.68 11.96
CA ASP A 144 -19.92 -2.20 13.28
C ASP A 144 -18.95 -1.16 13.83
N LEU A 145 -18.56 -0.20 12.98
CA LEU A 145 -17.72 0.94 13.32
C LEU A 145 -18.50 2.24 13.16
N PRO A 146 -18.15 3.26 13.94
CA PRO A 146 -18.65 4.62 13.66
C PRO A 146 -17.98 5.15 12.40
N LEU A 147 -18.63 6.15 11.79
CA LEU A 147 -18.11 6.71 10.55
C LEU A 147 -16.70 7.25 10.70
N ASP A 148 -16.36 7.78 11.88
CA ASP A 148 -15.07 8.43 12.12
CA ASP A 148 -15.05 8.43 12.04
C ASP A 148 -13.90 7.44 12.19
N ARG A 149 -14.15 6.14 12.02
CA ARG A 149 -13.08 5.14 11.97
C ARG A 149 -12.99 4.49 10.59
N VAL A 150 -13.68 5.01 9.59
CA VAL A 150 -13.67 4.46 8.24
C VAL A 150 -13.39 5.57 7.27
N ASN A 151 -12.51 5.33 6.30
CA ASN A 151 -12.18 6.36 5.31
C ASN A 151 -12.06 5.72 3.94
N VAL A 152 -12.62 6.41 2.94
CA VAL A 152 -12.58 6.01 1.54
C VAL A 152 -12.09 7.21 0.74
N LYS A 153 -11.00 7.01 -0.02
CA LYS A 153 -10.40 8.04 -0.86
C LYS A 153 -10.58 7.62 -2.31
N ALA A 154 -10.64 8.62 -3.21
CA ALA A 154 -10.82 8.29 -4.62
C ALA A 154 -9.99 9.22 -5.48
N LYS A 155 -9.37 8.64 -6.51
CA LYS A 155 -8.55 9.47 -7.39
C LYS A 155 -8.41 8.78 -8.74
N THR A 156 -7.87 9.51 -9.69
CA THR A 156 -7.53 8.91 -10.98
C THR A 156 -6.09 8.43 -10.96
N ASN A 157 -5.72 7.71 -12.01
CA ASN A 157 -4.34 7.31 -12.20
C ASN A 157 -3.60 8.27 -13.12
N GLU A 158 -4.09 9.50 -13.23
CA GLU A 158 -3.40 10.58 -13.96
C GLU A 158 -2.99 10.14 -15.36
N LYS A 159 -3.89 9.43 -16.02
CA LYS A 159 -3.83 9.13 -17.44
C LYS A 159 -2.84 8.03 -17.77
N LEU A 160 -2.35 7.29 -16.77
CA LEU A 160 -1.30 6.30 -17.01
C LEU A 160 -1.83 4.89 -16.96
N GLY A 161 -1.39 4.08 -17.92
CA GLY A 161 -1.65 2.65 -17.81
C GLY A 161 -3.08 2.24 -18.11
N TYR A 162 -3.35 0.97 -17.81
CA TYR A 162 -4.70 0.44 -18.05
C TYR A 162 -5.75 1.16 -17.21
N LEU A 163 -5.36 1.69 -16.03
CA LEU A 163 -6.30 2.50 -15.25
C LEU A 163 -6.56 3.82 -15.95
N GLY A 164 -5.53 4.42 -16.53
CA GLY A 164 -5.76 5.61 -17.35
C GLY A 164 -6.68 5.34 -18.51
N ARG A 165 -6.56 4.16 -19.11
CA ARG A 165 -7.40 3.80 -20.25
C ARG A 165 -8.78 3.35 -19.84
N GLY A 166 -9.07 3.36 -18.54
CA GLY A 166 -10.40 2.98 -18.10
C GLY A 166 -10.72 1.51 -18.26
N GLU A 167 -9.71 0.65 -18.27
CA GLU A 167 -9.90 -0.78 -18.53
CA GLU A 167 -9.97 -0.76 -18.54
C GLU A 167 -10.29 -1.55 -17.27
N GLY A 168 -10.03 -0.97 -16.11
CA GLY A 168 -10.37 -1.62 -14.85
C GLY A 168 -10.36 -0.56 -13.78
N ILE A 169 -10.70 -0.97 -12.56
CA ILE A 169 -10.67 -0.14 -11.36
C ILE A 169 -9.90 -0.87 -10.27
N GLU A 170 -9.03 -0.16 -9.59
CA GLU A 170 -8.20 -0.68 -8.51
C GLU A 170 -8.70 -0.18 -7.16
N ALA A 171 -8.51 -0.98 -6.10
CA ALA A 171 -8.67 -0.49 -4.74
C ALA A 171 -7.52 -0.95 -3.87
N GLN A 172 -7.19 -0.10 -2.88
CA GLN A 172 -6.17 -0.35 -1.87
C GLN A 172 -6.81 -0.17 -0.52
N ALA A 173 -6.32 -0.91 0.49
CA ALA A 173 -6.89 -0.75 1.83
C ALA A 173 -5.85 -1.02 2.91
N ALA A 174 -6.05 -0.40 4.07
CA ALA A 174 -5.23 -0.64 5.26
C ALA A 174 -6.18 -0.79 6.44
N ALA A 175 -5.84 -1.69 7.37
CA ALA A 175 -6.68 -1.89 8.54
C ALA A 175 -5.80 -2.05 9.76
N LEU A 176 -6.22 -1.46 10.87
CA LEU A 176 -5.61 -1.65 12.17
C LEU A 176 -6.59 -2.40 13.05
N VAL A 177 -6.15 -3.49 13.69
CA VAL A 177 -6.96 -4.24 14.63
C VAL A 177 -6.18 -4.38 15.94
N VAL A 178 -6.86 -4.89 16.98
CA VAL A 178 -6.17 -5.18 18.23
C VAL A 178 -6.74 -6.47 18.79
N ARG A 179 -5.86 -7.33 19.30
CA ARG A 179 -6.29 -8.59 19.88
C ARG A 179 -6.63 -8.33 21.32
N GLU A 180 -7.90 -8.50 21.66
CA GLU A 180 -8.39 -8.16 22.98
C GLU A 180 -8.04 -9.18 24.07
N SER B 21 6.50 0.92 25.50
CA SER B 21 5.61 -0.17 25.11
C SER B 21 4.44 0.37 24.27
N MET B 22 4.40 1.68 24.03
CA MET B 22 3.38 2.30 23.19
C MET B 22 3.96 3.11 22.02
N ASP B 23 5.26 3.03 21.77
CA ASP B 23 5.88 3.75 20.65
C ASP B 23 5.84 2.87 19.40
N PHE B 24 4.63 2.74 18.86
CA PHE B 24 4.38 2.00 17.64
C PHE B 24 4.80 2.76 16.39
N ARG B 25 5.21 2.00 15.36
CA ARG B 25 5.56 2.56 14.05
C ARG B 25 5.11 1.62 12.94
N ILE B 26 4.71 2.18 11.80
CA ILE B 26 4.31 1.36 10.65
C ILE B 26 5.28 1.53 9.49
N GLY B 27 5.41 0.45 8.71
CA GLY B 27 6.21 0.47 7.50
C GLY B 27 5.47 -0.21 6.36
N GLN B 28 5.83 0.17 5.14
CA GLN B 28 5.22 -0.40 3.95
C GLN B 28 6.30 -0.70 2.92
N GLY B 29 6.08 -1.77 2.12
CA GLY B 29 7.05 -2.14 1.11
C GLY B 29 6.38 -2.60 -0.17
N TYR B 30 7.15 -2.47 -1.25
CA TYR B 30 6.73 -2.79 -2.61
C TYR B 30 7.93 -3.38 -3.35
N ASP B 31 7.68 -4.39 -4.18
CA ASP B 31 8.72 -4.85 -5.09
C ASP B 31 8.05 -5.46 -6.31
N VAL B 32 8.78 -5.49 -7.41
CA VAL B 32 8.34 -6.18 -8.63
C VAL B 32 9.55 -6.74 -9.34
N HIS B 33 9.39 -7.90 -9.97
CA HIS B 33 10.45 -8.42 -10.83
C HIS B 33 9.84 -8.97 -12.11
N GLN B 34 10.59 -8.91 -13.22
CA GLN B 34 10.17 -9.53 -14.47
C GLN B 34 10.19 -11.06 -14.37
N LEU B 35 9.28 -11.67 -15.12
CA LEU B 35 9.04 -13.11 -15.12
C LEU B 35 9.27 -13.62 -16.54
N VAL B 36 10.37 -14.34 -16.76
CA VAL B 36 10.70 -14.83 -18.11
C VAL B 36 11.27 -16.24 -18.01
N PRO B 37 11.26 -16.98 -19.13
CA PRO B 37 11.89 -18.30 -19.13
C PRO B 37 13.36 -18.19 -18.81
N GLY B 38 13.87 -19.16 -18.06
CA GLY B 38 15.30 -19.32 -17.87
C GLY B 38 15.79 -19.26 -16.45
N ARG B 39 14.97 -18.86 -15.49
CA ARG B 39 15.37 -18.72 -14.10
C ARG B 39 14.36 -19.45 -13.23
N PRO B 40 14.78 -19.89 -12.05
CA PRO B 40 13.83 -20.51 -11.14
C PRO B 40 12.92 -19.46 -10.54
N LEU B 41 11.80 -19.93 -10.04
CA LEU B 41 10.80 -19.07 -9.43
C LEU B 41 10.88 -19.27 -7.92
N ILE B 42 11.37 -18.26 -7.20
CA ILE B 42 11.56 -18.36 -5.76
C ILE B 42 10.82 -17.19 -5.11
N ILE B 43 9.86 -17.51 -4.24
CA ILE B 43 9.01 -16.50 -3.58
C ILE B 43 8.86 -16.89 -2.12
N GLY B 44 9.15 -15.96 -1.22
CA GLY B 44 9.09 -16.27 0.19
C GLY B 44 10.02 -17.40 0.59
N GLY B 45 11.14 -17.55 -0.11
CA GLY B 45 12.07 -18.63 0.14
C GLY B 45 11.65 -19.98 -0.43
N VAL B 46 10.53 -20.05 -1.13
CA VAL B 46 10.02 -21.31 -1.67
C VAL B 46 10.29 -21.38 -3.17
N THR B 47 10.90 -22.49 -3.62
CA THR B 47 11.08 -22.72 -5.03
C THR B 47 9.81 -23.36 -5.59
N ILE B 48 9.24 -22.75 -6.61
CA ILE B 48 7.93 -23.13 -7.12
C ILE B 48 8.09 -23.56 -8.56
N PRO B 49 7.59 -24.75 -8.95
CA PRO B 49 7.79 -25.21 -10.33
C PRO B 49 7.00 -24.34 -11.28
N TYR B 50 7.68 -23.88 -12.32
CA TYR B 50 7.04 -23.00 -13.29
C TYR B 50 7.95 -22.90 -14.50
N GLU B 51 7.36 -22.60 -15.66
CA GLU B 51 8.15 -22.48 -16.88
C GLU B 51 8.94 -21.18 -16.93
N ARG B 52 8.76 -20.29 -15.95
CA ARG B 52 9.44 -19.01 -15.93
C ARG B 52 9.82 -18.68 -14.49
N GLY B 53 10.74 -17.73 -14.33
CA GLY B 53 11.23 -17.33 -13.03
C GLY B 53 11.55 -15.85 -13.03
N LEU B 54 11.92 -15.34 -11.86
CA LEU B 54 12.04 -13.90 -11.64
C LEU B 54 13.48 -13.43 -11.86
N LEU B 55 13.63 -12.28 -12.52
CA LEU B 55 14.93 -11.74 -12.91
C LEU B 55 15.38 -10.67 -11.93
N GLY B 56 16.63 -10.77 -11.49
CA GLY B 56 17.18 -9.84 -10.52
C GLY B 56 18.59 -10.27 -10.17
N HIS B 57 19.25 -9.45 -9.33
CA HIS B 57 20.67 -9.69 -9.05
C HIS B 57 20.86 -10.80 -8.03
N SER B 58 20.14 -10.74 -6.90
CA SER B 58 20.15 -11.84 -5.94
C SER B 58 19.32 -12.98 -6.49
N ASP B 59 18.42 -13.51 -5.67
CA ASP B 59 17.49 -14.53 -6.13
C ASP B 59 16.14 -13.94 -6.55
N ALA B 60 16.02 -12.62 -6.56
CA ALA B 60 14.83 -11.92 -7.05
C ALA B 60 13.59 -12.31 -6.27
N ASP B 61 13.73 -12.60 -4.98
CA ASP B 61 12.58 -13.01 -4.15
C ASP B 61 11.75 -11.77 -3.82
N VAL B 62 10.77 -11.52 -4.69
CA VAL B 62 10.01 -10.27 -4.65
C VAL B 62 9.27 -10.12 -3.30
N LEU B 63 8.79 -11.22 -2.71
CA LEU B 63 8.06 -11.13 -1.44
C LEU B 63 8.99 -10.77 -0.29
N LEU B 64 10.15 -11.45 -0.19
CA LEU B 64 11.05 -11.11 0.90
C LEU B 64 11.58 -9.68 0.76
N HIS B 65 11.81 -9.22 -0.47
CA HIS B 65 12.29 -7.85 -0.67
C HIS B 65 11.26 -6.84 -0.16
N ALA B 66 9.98 -7.05 -0.48
CA ALA B 66 8.97 -6.11 -0.02
C ALA B 66 8.88 -6.09 1.50
N ILE B 67 8.91 -7.26 2.13
CA ILE B 67 8.86 -7.33 3.58
C ILE B 67 10.08 -6.66 4.21
N THR B 68 11.27 -6.89 3.65
CA THR B 68 12.50 -6.24 4.11
C THR B 68 12.34 -4.72 4.09
N ASP B 69 11.79 -4.19 3.00
CA ASP B 69 11.64 -2.75 2.87
C ASP B 69 10.62 -2.21 3.88
N ALA B 70 9.52 -2.96 4.11
CA ALA B 70 8.55 -2.50 5.10
C ALA B 70 9.19 -2.45 6.49
N LEU B 71 10.07 -3.39 6.80
CA LEU B 71 10.70 -3.40 8.11
C LEU B 71 11.69 -2.25 8.27
N PHE B 72 12.57 -2.04 7.29
CA PHE B 72 13.44 -0.87 7.33
C PHE B 72 12.60 0.41 7.41
N GLY B 73 11.46 0.46 6.72
CA GLY B 73 10.63 1.65 6.72
C GLY B 73 10.04 1.93 8.09
N ALA B 74 9.51 0.90 8.75
CA ALA B 74 8.92 1.08 10.07
C ALA B 74 9.96 1.56 11.07
N ALA B 75 11.22 1.14 10.91
CA ALA B 75 12.28 1.59 11.80
C ALA B 75 12.91 2.90 11.35
N ALA B 76 12.46 3.45 10.23
CA ALA B 76 13.03 4.66 9.62
C ALA B 76 14.54 4.50 9.41
N LEU B 77 14.93 3.36 8.85
CA LEU B 77 16.33 3.06 8.56
C LEU B 77 16.68 3.13 7.08
N GLY B 78 15.84 3.73 6.25
CA GLY B 78 16.12 3.82 4.82
C GLY B 78 15.43 2.69 4.08
N ASP B 79 16.21 1.97 3.24
CA ASP B 79 15.60 0.95 2.41
C ASP B 79 16.61 -0.14 2.08
N ILE B 80 16.11 -1.15 1.36
CA ILE B 80 16.91 -2.33 1.09
C ILE B 80 18.13 -1.99 0.22
N GLY B 81 17.99 -1.04 -0.71
CA GLY B 81 19.13 -0.72 -1.56
C GLY B 81 20.25 -0.01 -0.82
N ARG B 82 19.90 0.76 0.20
CA ARG B 82 20.91 1.44 0.99
C ARG B 82 21.61 0.49 1.95
N HIS B 83 20.92 -0.54 2.44
CA HIS B 83 21.57 -1.48 3.35
C HIS B 83 22.37 -2.55 2.63
N PHE B 84 21.88 -3.02 1.47
CA PHE B 84 22.44 -4.23 0.82
C PHE B 84 22.76 -3.91 -0.64
N SER B 85 23.88 -3.27 -0.86
CA SER B 85 24.28 -2.94 -2.22
C SER B 85 24.70 -4.19 -2.98
N ASP B 86 24.45 -4.18 -4.29
CA ASP B 86 24.95 -5.25 -5.14
C ASP B 86 26.48 -5.26 -5.24
N THR B 87 27.15 -4.23 -4.73
CA THR B 87 28.60 -4.15 -4.76
C THR B 87 29.27 -4.56 -3.45
N ASP B 88 28.55 -4.51 -2.33
CA ASP B 88 29.15 -4.77 -1.02
C ASP B 88 29.67 -6.21 -0.93
N PRO B 89 30.96 -6.43 -0.65
CA PRO B 89 31.45 -7.81 -0.52
C PRO B 89 30.83 -8.58 0.63
N ARG B 90 30.39 -7.89 1.68
CA ARG B 90 29.77 -8.57 2.82
C ARG B 90 28.56 -9.40 2.39
N PHE B 91 27.83 -8.96 1.37
CA PHE B 91 26.60 -9.64 0.98
C PHE B 91 26.68 -10.29 -0.39
N LYS B 92 27.88 -10.39 -0.97
CA LYS B 92 28.04 -11.11 -2.22
C LYS B 92 27.48 -12.52 -2.09
N GLY B 93 26.55 -12.88 -2.96
CA GLY B 93 25.99 -14.21 -2.90
C GLY B 93 24.96 -14.45 -1.82
N ALA B 94 24.65 -13.46 -0.99
CA ALA B 94 23.59 -13.63 0.01
C ALA B 94 22.25 -13.80 -0.69
N ASP B 95 21.45 -14.76 -0.22
CA ASP B 95 20.11 -14.86 -0.77
C ASP B 95 19.17 -13.98 0.06
N SER B 96 17.91 -13.91 -0.36
CA SER B 96 17.02 -12.90 0.22
C SER B 96 16.61 -13.25 1.65
N ARG B 97 16.68 -14.52 2.05
CA ARG B 97 16.44 -14.84 3.45
C ARG B 97 17.58 -14.35 4.33
N ALA B 98 18.83 -14.46 3.86
CA ALA B 98 19.94 -13.90 4.62
C ALA B 98 19.78 -12.39 4.80
N LEU B 99 19.33 -11.71 3.74
CA LEU B 99 19.10 -10.27 3.83
C LEU B 99 17.97 -9.94 4.80
N LEU B 100 16.91 -10.74 4.78
CA LEU B 100 15.80 -10.52 5.69
C LEU B 100 16.24 -10.67 7.15
N ARG B 101 17.08 -11.68 7.43
CA ARG B 101 17.58 -11.88 8.78
C ARG B 101 18.47 -10.72 9.22
N GLU B 102 19.32 -10.22 8.32
CA GLU B 102 20.15 -9.08 8.69
C GLU B 102 19.31 -7.83 8.89
N CYS B 103 18.29 -7.65 8.04
CA CYS B 103 17.33 -6.57 8.25
C CYS B 103 16.75 -6.64 9.65
N ALA B 104 16.28 -7.81 10.06
CA ALA B 104 15.69 -7.96 11.38
C ALA B 104 16.68 -7.63 12.50
N SER B 105 17.94 -8.02 12.32
CA SER B 105 18.96 -7.68 13.31
CA SER B 105 18.96 -7.68 13.32
C SER B 105 19.12 -6.18 13.46
N ARG B 106 19.12 -5.45 12.33
CA ARG B 106 19.29 -4.00 12.39
C ARG B 106 18.09 -3.32 13.02
N VAL B 107 16.87 -3.80 12.71
CA VAL B 107 15.64 -3.27 13.31
C VAL B 107 15.70 -3.47 14.83
N ALA B 108 16.12 -4.65 15.26
CA ALA B 108 16.26 -4.91 16.69
C ALA B 108 17.27 -3.97 17.33
N GLN B 109 18.43 -3.77 16.69
CA GLN B 109 19.46 -2.94 17.31
C GLN B 109 19.08 -1.47 17.33
N ALA B 110 18.19 -1.04 16.43
CA ALA B 110 17.63 0.30 16.47
C ALA B 110 16.58 0.44 17.55
N GLY B 111 16.26 -0.66 18.23
CA GLY B 111 15.41 -0.66 19.40
C GLY B 111 13.99 -1.11 19.17
N PHE B 112 13.70 -1.73 18.03
CA PHE B 112 12.32 -2.07 17.68
C PHE B 112 12.08 -3.57 17.76
N ALA B 113 10.92 -3.93 18.29
CA ALA B 113 10.39 -5.29 18.24
C ALA B 113 9.33 -5.35 17.15
N ILE B 114 9.34 -6.44 16.38
CA ILE B 114 8.35 -6.61 15.33
C ILE B 114 7.09 -7.20 15.93
N ARG B 115 5.95 -6.57 15.60
CA ARG B 115 4.67 -7.06 16.08
C ARG B 115 3.91 -7.88 15.04
N ASN B 116 3.90 -7.50 13.76
CA ASN B 116 3.29 -8.36 12.75
C ASN B 116 3.70 -7.91 11.36
N VAL B 117 3.59 -8.84 10.40
CA VAL B 117 3.82 -8.58 8.99
CA VAL B 117 3.79 -8.53 9.00
C VAL B 117 2.62 -9.09 8.21
N ASP B 118 2.16 -8.34 7.23
CA ASP B 118 1.13 -8.79 6.31
C ASP B 118 1.65 -8.49 4.91
N SER B 119 1.17 -9.23 3.91
CA SER B 119 1.73 -9.08 2.57
C SER B 119 0.76 -9.65 1.52
N THR B 120 1.00 -9.24 0.26
CA THR B 120 0.25 -9.75 -0.88
C THR B 120 1.20 -10.00 -2.03
N ILE B 121 1.08 -11.16 -2.67
CA ILE B 121 1.73 -11.46 -3.95
C ILE B 121 0.70 -11.33 -5.05
N ILE B 122 1.03 -10.58 -6.11
CA ILE B 122 0.13 -10.48 -7.27
C ILE B 122 0.81 -11.15 -8.45
N ALA B 123 0.18 -12.20 -8.98
CA ALA B 123 0.75 -12.93 -10.10
C ALA B 123 -0.38 -13.63 -10.84
N GLN B 124 -0.29 -13.69 -12.18
CA GLN B 124 -1.36 -14.38 -12.90
C GLN B 124 -1.26 -15.89 -12.74
N ALA B 125 -0.04 -16.41 -12.56
CA ALA B 125 0.24 -17.83 -12.45
C ALA B 125 1.67 -17.96 -11.91
N PRO B 126 2.01 -19.09 -11.31
CA PRO B 126 1.19 -20.27 -11.02
C PRO B 126 0.34 -20.05 -9.77
N LYS B 127 -0.47 -21.05 -9.41
CA LYS B 127 -1.26 -20.98 -8.20
C LYS B 127 -0.33 -21.05 -6.99
N LEU B 128 -0.38 -20.03 -6.13
CA LEU B 128 0.54 -19.93 -5.00
C LEU B 128 -0.02 -20.45 -3.68
N ALA B 129 -1.34 -20.64 -3.56
CA ALA B 129 -1.91 -21.11 -2.30
C ALA B 129 -1.25 -22.36 -1.72
N PRO B 130 -0.81 -23.36 -2.50
CA PRO B 130 -0.17 -24.54 -1.88
C PRO B 130 1.13 -24.23 -1.16
N HIS B 131 1.75 -23.07 -1.42
CA HIS B 131 3.07 -22.73 -0.91
C HIS B 131 3.03 -21.68 0.20
N ILE B 132 1.82 -21.23 0.57
CA ILE B 132 1.68 -20.12 1.50
C ILE B 132 2.19 -20.49 2.88
N ASP B 133 1.83 -21.68 3.40
CA ASP B 133 2.29 -21.98 4.74
C ASP B 133 3.80 -22.14 4.79
N ALA B 134 4.40 -22.64 3.71
CA ALA B 134 5.86 -22.71 3.64
C ALA B 134 6.48 -21.30 3.66
N MET B 135 5.91 -20.36 2.90
CA MET B 135 6.43 -19.00 2.92
C MET B 135 6.31 -18.39 4.30
N ARG B 136 5.13 -18.55 4.91
CA ARG B 136 4.93 -17.98 6.25
C ARG B 136 5.91 -18.57 7.23
N ALA B 137 6.13 -19.89 7.14
CA ALA B 137 7.09 -20.54 8.03
C ALA B 137 8.48 -19.96 7.86
N ASN B 138 8.90 -19.71 6.62
CA ASN B 138 10.25 -19.19 6.40
C ASN B 138 10.38 -17.77 6.96
N ILE B 139 9.35 -16.95 6.70
CA ILE B 139 9.40 -15.57 7.14
C ILE B 139 9.38 -15.51 8.65
N ALA B 140 8.51 -16.28 9.30
CA ALA B 140 8.44 -16.23 10.75
C ALA B 140 9.74 -16.69 11.39
N ALA B 141 10.38 -17.70 10.80
CA ALA B 141 11.69 -18.12 11.31
C ALA B 141 12.72 -17.00 11.17
N ASP B 142 12.77 -16.36 9.99
CA ASP B 142 13.79 -15.35 9.76
C ASP B 142 13.56 -14.13 10.64
N LEU B 143 12.30 -13.83 11.00
CA LEU B 143 12.01 -12.70 11.86
C LEU B 143 11.90 -13.07 13.34
N ASP B 144 12.06 -14.35 13.68
CA ASP B 144 11.87 -14.85 15.04
C ASP B 144 10.49 -14.45 15.57
N LEU B 145 9.47 -14.67 14.73
CA LEU B 145 8.09 -14.33 15.09
C LEU B 145 7.23 -15.57 15.26
N PRO B 146 6.21 -15.55 16.10
CA PRO B 146 5.24 -16.64 16.05
C PRO B 146 4.52 -16.62 14.71
N LEU B 147 4.14 -17.81 14.28
CA LEU B 147 3.52 -17.95 12.97
CA LEU B 147 3.51 -17.96 12.98
C LEU B 147 2.26 -17.09 12.85
N ASP B 148 1.53 -16.91 13.95
CA ASP B 148 0.28 -16.12 13.86
C ASP B 148 0.50 -14.62 13.81
N ARG B 149 1.73 -14.16 13.65
CA ARG B 149 2.00 -12.75 13.40
C ARG B 149 2.54 -12.51 12.01
N VAL B 150 2.51 -13.50 11.14
CA VAL B 150 3.00 -13.41 9.77
C VAL B 150 1.89 -13.85 8.83
N ASN B 151 1.57 -13.01 7.84
CA ASN B 151 0.52 -13.39 6.90
C ASN B 151 0.99 -13.11 5.47
N VAL B 152 0.62 -14.01 4.55
CA VAL B 152 0.90 -13.86 3.12
C VAL B 152 -0.39 -14.14 2.35
N LYS B 153 -0.76 -13.23 1.45
CA LYS B 153 -1.96 -13.33 0.62
C LYS B 153 -1.52 -13.41 -0.82
N ALA B 154 -2.37 -13.98 -1.70
CA ALA B 154 -1.96 -14.12 -3.10
C ALA B 154 -3.17 -14.02 -4.00
N LYS B 155 -3.08 -13.23 -5.08
CA LYS B 155 -4.21 -13.07 -6.00
C LYS B 155 -3.69 -12.69 -7.39
N THR B 156 -4.60 -12.74 -8.39
CA THR B 156 -4.22 -12.35 -9.74
C THR B 156 -4.51 -10.88 -9.96
N ASN B 157 -4.03 -10.37 -11.09
CA ASN B 157 -4.36 -9.02 -11.53
C ASN B 157 -5.44 -9.00 -12.60
N GLU B 158 -6.26 -10.05 -12.67
CA GLU B 158 -7.44 -10.07 -13.53
C GLU B 158 -7.10 -9.71 -14.97
N LYS B 159 -5.98 -10.27 -15.43
CA LYS B 159 -5.51 -10.18 -16.81
C LYS B 159 -5.24 -8.75 -17.25
N LEU B 160 -5.04 -7.81 -16.30
CA LEU B 160 -4.74 -6.41 -16.63
C LEU B 160 -3.25 -6.12 -16.52
N GLY B 161 -2.69 -5.48 -17.56
CA GLY B 161 -1.31 -4.99 -17.52
C GLY B 161 -0.26 -6.09 -17.55
N TYR B 162 0.99 -5.68 -17.32
CA TYR B 162 2.09 -6.65 -17.36
C TYR B 162 1.90 -7.74 -16.31
N LEU B 163 1.29 -7.42 -15.16
CA LEU B 163 1.02 -8.47 -14.20
C LEU B 163 -0.01 -9.44 -14.73
N GLY B 164 -1.07 -8.91 -15.35
CA GLY B 164 -2.12 -9.77 -15.87
C GLY B 164 -1.68 -10.62 -17.05
N ARG B 165 -0.65 -10.19 -17.78
CA ARG B 165 -0.11 -10.94 -18.90
C ARG B 165 1.01 -11.88 -18.49
N GLY B 166 1.27 -12.00 -17.18
CA GLY B 166 2.29 -12.90 -16.71
C GLY B 166 3.70 -12.44 -16.99
N GLU B 167 3.92 -11.13 -17.13
CA GLU B 167 5.24 -10.61 -17.49
C GLU B 167 6.07 -10.19 -16.29
N GLY B 168 5.46 -10.17 -15.11
CA GLY B 168 6.19 -9.95 -13.87
C GLY B 168 5.30 -10.33 -12.70
N ILE B 169 5.86 -10.25 -11.50
CA ILE B 169 5.16 -10.53 -10.25
C ILE B 169 5.46 -9.40 -9.28
N GLU B 170 4.44 -8.93 -8.57
CA GLU B 170 4.54 -7.85 -7.60
C GLU B 170 4.35 -8.41 -6.20
N ALA B 171 4.98 -7.77 -5.21
CA ALA B 171 4.64 -8.05 -3.81
C ALA B 171 4.49 -6.75 -3.05
N GLN B 172 3.56 -6.73 -2.10
CA GLN B 172 3.31 -5.60 -1.22
C GLN B 172 3.45 -6.11 0.21
N ALA B 173 3.91 -5.26 1.12
CA ALA B 173 4.05 -5.67 2.52
C ALA B 173 3.75 -4.50 3.47
N ALA B 174 3.25 -4.87 4.66
CA ALA B 174 3.01 -3.92 5.74
C ALA B 174 3.61 -4.52 7.01
N ALA B 175 4.29 -3.68 7.81
CA ALA B 175 4.88 -4.18 9.06
C ALA B 175 4.58 -3.21 10.18
N LEU B 176 4.26 -3.75 11.35
CA LEU B 176 4.08 -2.96 12.56
C LEU B 176 5.18 -3.33 13.55
N VAL B 177 5.88 -2.33 14.08
CA VAL B 177 6.92 -2.54 15.10
C VAL B 177 6.62 -1.65 16.29
N VAL B 178 7.35 -1.86 17.39
CA VAL B 178 7.21 -1.02 18.57
C VAL B 178 8.59 -0.83 19.18
N ARG B 179 8.89 0.40 19.61
CA ARG B 179 10.20 0.71 20.17
C ARG B 179 10.23 0.24 21.61
N GLU B 180 11.20 -0.62 21.94
CA GLU B 180 11.37 -1.18 23.27
C GLU B 180 12.71 -0.83 23.89
N SER C 21 -4.56 7.60 24.86
CA SER C 21 -3.14 7.42 24.55
C SER C 21 -2.91 6.21 23.64
N MET C 22 -3.94 5.36 23.50
CA MET C 22 -3.87 4.13 22.72
C MET C 22 -4.84 4.12 21.54
N ASP C 23 -5.44 5.25 21.18
CA ASP C 23 -6.34 5.31 20.02
C ASP C 23 -5.54 5.58 18.76
N PHE C 24 -4.82 4.55 18.33
CA PHE C 24 -4.03 4.60 17.09
C PHE C 24 -4.89 4.39 15.85
N ARG C 25 -4.46 5.00 14.74
CA ARG C 25 -5.12 4.80 13.45
C ARG C 25 -4.05 4.72 12.36
N ILE C 26 -4.31 3.92 11.31
CA ILE C 26 -3.40 3.89 10.18
C ILE C 26 -4.03 4.48 8.94
N GLY C 27 -3.17 5.06 8.08
CA GLY C 27 -3.61 5.51 6.79
C GLY C 27 -2.63 5.08 5.71
N GLN C 28 -3.15 5.05 4.47
CA GLN C 28 -2.33 4.64 3.32
C GLN C 28 -2.59 5.59 2.18
N GLY C 29 -1.53 5.93 1.43
CA GLY C 29 -1.68 6.87 0.33
C GLY C 29 -0.95 6.38 -0.89
N TYR C 30 -1.47 6.82 -2.05
CA TYR C 30 -0.94 6.45 -3.35
C TYR C 30 -1.06 7.64 -4.29
N ASP C 31 -0.01 7.88 -5.09
CA ASP C 31 -0.18 8.86 -6.16
C ASP C 31 0.75 8.53 -7.31
N VAL C 32 0.42 9.03 -8.49
CA VAL C 32 1.31 8.91 -9.65
C VAL C 32 1.13 10.15 -10.51
N HIS C 33 2.21 10.59 -11.17
CA HIS C 33 2.12 11.70 -12.09
C HIS C 33 2.96 11.40 -13.32
N GLN C 34 2.55 11.97 -14.44
CA GLN C 34 3.31 11.85 -15.68
C GLN C 34 4.58 12.72 -15.64
N LEU C 35 5.62 12.22 -16.30
CA LEU C 35 6.86 12.95 -16.53
C LEU C 35 6.82 13.63 -17.89
N VAL C 36 7.05 14.95 -17.91
CA VAL C 36 6.83 15.74 -19.12
C VAL C 36 7.97 16.76 -19.27
N PRO C 37 8.28 17.14 -20.52
CA PRO C 37 9.35 18.15 -20.73
C PRO C 37 8.96 19.53 -20.19
N GLY C 38 9.98 20.31 -19.86
CA GLY C 38 9.78 21.72 -19.54
C GLY C 38 9.25 22.02 -18.15
N ARG C 39 9.20 21.02 -17.27
CA ARG C 39 8.82 21.21 -15.89
C ARG C 39 9.98 20.78 -15.00
N PRO C 40 10.22 21.48 -13.89
CA PRO C 40 11.22 20.99 -12.93
C PRO C 40 10.77 19.72 -12.25
N LEU C 41 11.72 18.85 -11.92
CA LEU C 41 11.41 17.61 -11.19
C LEU C 41 11.54 17.89 -9.69
N ILE C 42 10.42 17.85 -8.98
CA ILE C 42 10.40 18.14 -7.54
C ILE C 42 9.75 16.97 -6.83
N ILE C 43 10.52 16.29 -5.98
CA ILE C 43 10.04 15.13 -5.23
C ILE C 43 10.45 15.29 -3.78
N GLY C 44 9.49 15.13 -2.88
CA GLY C 44 9.79 15.42 -1.47
C GLY C 44 10.32 16.81 -1.22
N GLY C 45 9.88 17.80 -2.00
CA GLY C 45 10.37 19.17 -1.91
C GLY C 45 11.76 19.39 -2.49
N VAL C 46 12.42 18.35 -2.99
CA VAL C 46 13.78 18.47 -3.50
C VAL C 46 13.71 18.66 -5.00
N THR C 47 14.35 19.73 -5.50
CA THR C 47 14.50 19.93 -6.94
C THR C 47 15.68 19.10 -7.44
N ILE C 48 15.40 18.18 -8.34
CA ILE C 48 16.37 17.20 -8.81
C ILE C 48 16.69 17.51 -10.27
N PRO C 49 17.96 17.62 -10.65
CA PRO C 49 18.28 17.86 -12.06
C PRO C 49 17.76 16.74 -12.93
N TYR C 50 17.05 17.11 -13.99
CA TYR C 50 16.44 16.13 -14.88
C TYR C 50 15.78 16.88 -16.03
N GLU C 51 15.75 16.29 -17.22
CA GLU C 51 15.19 16.95 -18.39
C GLU C 51 13.66 16.95 -18.42
N ARG C 52 13.01 16.25 -17.51
CA ARG C 52 11.56 16.25 -17.42
C ARG C 52 11.18 16.51 -15.98
N GLY C 53 9.89 16.77 -15.76
CA GLY C 53 9.38 17.05 -14.43
C GLY C 53 7.98 16.51 -14.37
N LEU C 54 7.38 16.53 -13.17
CA LEU C 54 6.06 15.93 -13.00
C LEU C 54 4.95 16.92 -13.34
N LEU C 55 3.90 16.39 -13.99
CA LEU C 55 2.77 17.17 -14.50
C LEU C 55 1.63 17.21 -13.48
N GLY C 56 1.13 18.40 -13.19
CA GLY C 56 -0.06 18.54 -12.35
C GLY C 56 -0.43 19.99 -12.19
N HIS C 57 -1.66 20.21 -11.72
CA HIS C 57 -2.10 21.59 -11.44
C HIS C 57 -1.22 22.22 -10.37
N SER C 58 -0.94 21.48 -9.30
CA SER C 58 0.05 21.93 -8.32
CA SER C 58 0.06 21.79 -8.28
C SER C 58 1.45 21.71 -8.89
N ASP C 59 2.49 21.72 -8.04
CA ASP C 59 3.83 21.35 -8.49
C ASP C 59 3.99 19.85 -8.68
N ALA C 60 2.93 19.10 -8.38
CA ALA C 60 2.87 17.69 -8.74
C ALA C 60 3.93 16.89 -7.98
N ASP C 61 4.20 17.27 -6.73
CA ASP C 61 5.11 16.49 -5.91
C ASP C 61 4.45 15.18 -5.46
N VAL C 62 4.69 14.11 -6.21
CA VAL C 62 3.95 12.87 -6.05
C VAL C 62 4.19 12.28 -4.66
N LEU C 63 5.39 12.45 -4.10
CA LEU C 63 5.67 11.89 -2.79
C LEU C 63 4.87 12.62 -1.73
N LEU C 64 4.87 13.95 -1.78
CA LEU C 64 4.12 14.70 -0.76
C LEU C 64 2.64 14.46 -0.91
N HIS C 65 2.15 14.28 -2.13
CA HIS C 65 0.74 13.96 -2.31
C HIS C 65 0.39 12.62 -1.67
N ALA C 66 1.23 11.59 -1.85
CA ALA C 66 0.91 10.30 -1.25
C ALA C 66 0.92 10.38 0.28
N ILE C 67 1.89 11.11 0.86
CA ILE C 67 1.94 11.28 2.31
C ILE C 67 0.71 12.04 2.79
N THR C 68 0.35 13.11 2.08
CA THR C 68 -0.84 13.88 2.41
C THR C 68 -2.07 12.98 2.45
N ASP C 69 -2.24 12.15 1.43
CA ASP C 69 -3.42 11.27 1.42
C ASP C 69 -3.37 10.25 2.56
N ALA C 70 -2.17 9.72 2.90
CA ALA C 70 -2.10 8.78 4.01
C ALA C 70 -2.51 9.44 5.33
N LEU C 71 -2.11 10.70 5.51
CA LEU C 71 -2.43 11.42 6.75
C LEU C 71 -3.92 11.72 6.82
N PHE C 72 -4.51 12.23 5.72
CA PHE C 72 -5.97 12.41 5.72
C PHE C 72 -6.67 11.09 5.99
N GLY C 73 -6.14 9.98 5.43
CA GLY C 73 -6.83 8.70 5.60
C GLY C 73 -6.76 8.21 7.03
N ALA C 74 -5.60 8.36 7.67
CA ALA C 74 -5.45 7.92 9.05
C ALA C 74 -6.35 8.68 9.99
N ALA C 75 -6.61 9.95 9.71
CA ALA C 75 -7.50 10.78 10.53
C ALA C 75 -8.96 10.69 10.10
N ALA C 76 -9.24 9.89 9.05
CA ALA C 76 -10.59 9.73 8.48
C ALA C 76 -11.18 11.05 8.05
N LEU C 77 -10.35 11.87 7.39
CA LEU C 77 -10.75 13.19 6.94
C LEU C 77 -11.02 13.25 5.45
N GLY C 78 -11.12 12.12 4.78
CA GLY C 78 -11.37 12.10 3.34
C GLY C 78 -10.06 12.01 2.56
N ASP C 79 -9.88 12.92 1.60
CA ASP C 79 -8.72 12.78 0.73
C ASP C 79 -8.29 14.14 0.17
N ILE C 80 -7.15 14.10 -0.53
CA ILE C 80 -6.57 15.34 -1.02
C ILE C 80 -7.50 16.05 -1.98
N GLY C 81 -8.28 15.30 -2.77
CA GLY C 81 -9.18 15.93 -3.74
C GLY C 81 -10.35 16.67 -3.11
N ARG C 82 -10.79 16.22 -1.94
CA ARG C 82 -11.87 16.87 -1.21
C ARG C 82 -11.37 18.05 -0.39
N HIS C 83 -10.08 18.07 -0.05
CA HIS C 83 -9.54 19.17 0.72
C HIS C 83 -8.98 20.29 -0.13
N PHE C 84 -8.40 19.96 -1.29
CA PHE C 84 -7.61 20.91 -2.10
C PHE C 84 -8.01 20.73 -3.57
N SER C 85 -9.00 21.48 -4.04
CA SER C 85 -9.16 21.81 -5.46
C SER C 85 -10.56 22.34 -5.77
N ASP C 86 -10.87 23.55 -5.30
CA ASP C 86 -12.06 24.26 -5.73
C ASP C 86 -11.70 25.64 -6.28
N THR C 87 -10.42 25.84 -6.64
CA THR C 87 -9.86 27.16 -6.89
C THR C 87 -10.06 28.06 -5.67
N ASP C 88 -9.95 27.47 -4.50
CA ASP C 88 -9.87 28.18 -3.23
C ASP C 88 -8.78 29.25 -3.30
N PRO C 89 -9.12 30.53 -3.09
CA PRO C 89 -8.08 31.58 -3.18
C PRO C 89 -6.85 31.32 -2.32
N ARG C 90 -6.99 30.63 -1.19
CA ARG C 90 -5.84 30.36 -0.33
C ARG C 90 -4.85 29.38 -0.93
N PHE C 91 -5.28 28.53 -1.87
CA PHE C 91 -4.45 27.42 -2.35
C PHE C 91 -4.09 27.47 -3.83
N LYS C 92 -4.57 28.46 -4.59
CA LYS C 92 -4.12 28.59 -5.97
C LYS C 92 -2.66 29.00 -5.99
N GLY C 93 -1.85 28.25 -6.73
CA GLY C 93 -0.43 28.52 -6.77
C GLY C 93 0.34 27.97 -5.59
N ALA C 94 -0.34 27.34 -4.62
CA ALA C 94 0.35 26.74 -3.49
C ALA C 94 1.20 25.57 -3.97
N ASP C 95 2.37 25.41 -3.36
CA ASP C 95 3.19 24.25 -3.65
CA ASP C 95 3.18 24.24 -3.66
C ASP C 95 2.83 23.09 -2.72
N SER C 96 3.39 21.93 -2.99
CA SER C 96 2.91 20.77 -2.27
C SER C 96 3.35 20.75 -0.81
N ARG C 97 4.40 21.51 -0.46
CA ARG C 97 4.81 21.56 0.93
C ARG C 97 3.81 22.37 1.74
N ALA C 98 3.35 23.50 1.18
CA ALA C 98 2.30 24.27 1.85
C ALA C 98 1.07 23.40 2.07
N LEU C 99 0.71 22.59 1.07
CA LEU C 99 -0.45 21.71 1.21
C LEU C 99 -0.19 20.60 2.22
N LEU C 100 1.03 20.06 2.28
CA LEU C 100 1.33 19.08 3.31
C LEU C 100 1.21 19.71 4.72
N ARG C 101 1.72 20.94 4.89
CA ARG C 101 1.58 21.64 6.17
CA ARG C 101 1.58 21.63 6.17
C ARG C 101 0.12 21.86 6.52
N GLU C 102 -0.70 22.22 5.53
CA GLU C 102 -2.12 22.42 5.80
C GLU C 102 -2.79 21.09 6.17
N CYS C 103 -2.45 20.01 5.46
CA CYS C 103 -2.96 18.68 5.83
C CYS C 103 -2.63 18.38 7.28
N ALA C 104 -1.36 18.59 7.68
CA ALA C 104 -0.99 18.30 9.06
C ALA C 104 -1.76 19.15 10.03
N SER C 105 -2.07 20.39 9.65
CA SER C 105 -2.87 21.27 10.49
C SER C 105 -4.26 20.67 10.69
N ARG C 106 -4.86 20.20 9.60
CA ARG C 106 -6.21 19.65 9.69
C ARG C 106 -6.22 18.35 10.46
N VAL C 107 -5.16 17.57 10.38
CA VAL C 107 -5.07 16.34 11.19
C VAL C 107 -5.04 16.71 12.67
N ALA C 108 -4.23 17.72 13.03
CA ALA C 108 -4.17 18.19 14.41
C ALA C 108 -5.52 18.75 14.85
N GLN C 109 -6.19 19.48 13.96
CA GLN C 109 -7.47 20.08 14.29
C GLN C 109 -8.48 19.02 14.70
N ALA C 110 -8.36 17.84 14.11
CA ALA C 110 -9.29 16.75 14.42
C ALA C 110 -8.86 15.96 15.66
N GLY C 111 -7.74 16.38 16.28
CA GLY C 111 -7.31 15.80 17.54
C GLY C 111 -6.31 14.67 17.40
N PHE C 112 -5.64 14.55 16.25
CA PHE C 112 -4.67 13.49 16.06
C PHE C 112 -3.25 14.02 16.13
N ALA C 113 -2.36 13.21 16.66
CA ALA C 113 -0.92 13.48 16.59
C ALA C 113 -0.28 12.46 15.66
N ILE C 114 0.68 12.90 14.86
CA ILE C 114 1.37 11.98 13.94
C ILE C 114 2.47 11.22 14.68
N ARG C 115 2.50 9.89 14.50
CA ARG C 115 3.56 9.10 15.12
C ARG C 115 4.67 8.74 14.16
N ASN C 116 4.37 8.35 12.92
CA ASN C 116 5.43 8.15 11.93
C ASN C 116 4.86 8.10 10.53
N VAL C 117 5.73 8.32 9.56
CA VAL C 117 5.43 8.22 8.13
CA VAL C 117 5.39 8.14 8.15
C VAL C 117 6.49 7.35 7.48
N ASP C 118 6.07 6.48 6.57
CA ASP C 118 6.97 5.71 5.72
C ASP C 118 6.48 5.83 4.29
N SER C 119 7.38 5.68 3.33
CA SER C 119 6.97 5.93 1.94
C SER C 119 7.95 5.24 0.99
N THR C 120 7.51 5.10 -0.28
CA THR C 120 8.35 4.56 -1.35
C THR C 120 8.10 5.38 -2.61
N ILE C 121 9.16 5.77 -3.29
CA ILE C 121 9.11 6.38 -4.61
C ILE C 121 9.48 5.29 -5.62
N ILE C 122 8.71 5.16 -6.70
CA ILE C 122 9.05 4.22 -7.77
C ILE C 122 9.32 5.01 -9.05
N ALA C 123 10.56 4.95 -9.54
CA ALA C 123 11.00 5.72 -10.69
C ALA C 123 12.14 4.96 -11.36
N GLN C 124 12.12 4.95 -12.70
CA GLN C 124 13.23 4.32 -13.40
C GLN C 124 14.44 5.24 -13.45
N ALA C 125 14.20 6.55 -13.43
CA ALA C 125 15.24 7.57 -13.53
C ALA C 125 14.63 8.90 -13.09
N PRO C 126 15.43 9.86 -12.62
CA PRO C 126 16.86 9.79 -12.35
C PRO C 126 17.16 9.09 -11.04
N LYS C 127 18.45 9.03 -10.69
CA LYS C 127 18.87 8.43 -9.42
C LYS C 127 18.40 9.31 -8.26
N LEU C 128 17.62 8.74 -7.35
CA LEU C 128 17.07 9.51 -6.25
C LEU C 128 17.86 9.33 -4.96
N ALA C 129 18.68 8.28 -4.84
CA ALA C 129 19.48 8.03 -3.63
C ALA C 129 20.18 9.26 -3.05
N PRO C 130 20.84 10.12 -3.82
CA PRO C 130 21.53 11.29 -3.21
C PRO C 130 20.59 12.31 -2.61
N HIS C 131 19.29 12.22 -2.87
CA HIS C 131 18.32 13.23 -2.49
C HIS C 131 17.39 12.77 -1.36
N ILE C 132 17.44 11.50 -0.98
CA ILE C 132 16.52 10.91 -0.01
C ILE C 132 16.63 11.62 1.34
N ASP C 133 17.85 11.88 1.81
CA ASP C 133 17.96 12.46 3.13
C ASP C 133 17.40 13.88 3.16
N ALA C 134 17.55 14.66 2.08
CA ALA C 134 16.93 15.98 2.01
C ALA C 134 15.41 15.89 1.97
N MET C 135 14.87 14.90 1.28
CA MET C 135 13.42 14.70 1.30
C MET C 135 12.92 14.43 2.71
N ARG C 136 13.62 13.52 3.41
CA ARG C 136 13.23 13.19 4.78
CA ARG C 136 13.24 13.19 4.78
C ARG C 136 13.25 14.43 5.67
N ALA C 137 14.32 15.25 5.54
CA ALA C 137 14.41 16.48 6.34
C ALA C 137 13.26 17.42 6.01
N ASN C 138 12.91 17.56 4.73
CA ASN C 138 11.80 18.45 4.35
C ASN C 138 10.47 17.98 4.95
N ILE C 139 10.19 16.67 4.85
CA ILE C 139 8.94 16.13 5.36
C ILE C 139 8.88 16.27 6.87
N ALA C 140 10.01 15.98 7.55
CA ALA C 140 10.05 16.13 9.00
C ALA C 140 9.76 17.56 9.41
N ALA C 141 10.34 18.52 8.70
CA ALA C 141 10.10 19.91 9.06
C ALA C 141 8.64 20.26 8.83
N ASP C 142 8.07 19.80 7.72
CA ASP C 142 6.69 20.15 7.40
C ASP C 142 5.70 19.51 8.37
N LEU C 143 6.01 18.31 8.88
CA LEU C 143 5.10 17.61 9.79
C LEU C 143 5.47 17.84 11.26
N ASP C 144 6.47 18.67 11.55
CA ASP C 144 6.94 18.91 12.91
C ASP C 144 7.23 17.58 13.64
N LEU C 145 8.01 16.74 12.97
CA LEU C 145 8.42 15.42 13.42
C LEU C 145 9.94 15.34 13.52
N PRO C 146 10.47 14.55 14.46
CA PRO C 146 11.90 14.25 14.40
C PRO C 146 12.19 13.36 13.21
N LEU C 147 13.44 13.44 12.77
CA LEU C 147 13.86 12.71 11.58
CA LEU C 147 13.88 12.71 11.59
C LEU C 147 13.64 11.20 11.72
N ASP C 148 13.77 10.66 12.93
CA ASP C 148 13.69 9.21 13.12
C ASP C 148 12.28 8.70 13.07
N ARG C 149 11.32 9.57 12.75
CA ARG C 149 9.93 9.16 12.56
C ARG C 149 9.48 9.36 11.13
N VAL C 150 10.39 9.68 10.20
CA VAL C 150 10.07 9.91 8.79
C VAL C 150 10.99 9.02 7.96
N ASN C 151 10.43 8.29 7.00
CA ASN C 151 11.27 7.50 6.15
C ASN C 151 10.81 7.61 4.71
N VAL C 152 11.80 7.60 3.79
CA VAL C 152 11.57 7.63 2.35
C VAL C 152 12.46 6.57 1.72
N LYS C 153 11.86 5.72 0.87
CA LYS C 153 12.51 4.64 0.16
C LYS C 153 12.35 4.88 -1.33
N ALA C 154 13.26 4.31 -2.12
CA ALA C 154 13.19 4.54 -3.56
C ALA C 154 13.71 3.33 -4.31
N LYS C 155 13.02 2.97 -5.38
CA LYS C 155 13.43 1.84 -6.21
C LYS C 155 12.84 2.01 -7.61
N THR C 156 13.35 1.20 -8.56
CA THR C 156 12.82 1.20 -9.92
C THR C 156 11.64 0.24 -10.06
N ASN C 157 11.01 0.24 -11.24
CA ASN C 157 9.96 -0.72 -11.53
C ASN C 157 10.46 -1.80 -12.48
N GLU C 158 11.78 -2.03 -12.52
CA GLU C 158 12.36 -3.12 -13.31
C GLU C 158 11.93 -3.09 -14.76
N LYS C 159 11.84 -1.88 -15.33
CA LYS C 159 11.51 -1.65 -16.74
C LYS C 159 10.12 -2.18 -17.12
N LEU C 160 9.22 -2.40 -16.14
CA LEU C 160 7.86 -2.87 -16.43
C LEU C 160 6.85 -1.72 -16.46
N GLY C 161 5.98 -1.74 -17.49
CA GLY C 161 4.85 -0.80 -17.54
C GLY C 161 5.28 0.64 -17.75
N TYR C 162 4.33 1.56 -17.51
CA TYR C 162 4.60 2.98 -17.76
C TYR C 162 5.66 3.51 -16.81
N LEU C 163 5.73 2.99 -15.57
CA LEU C 163 6.82 3.39 -14.69
C LEU C 163 8.15 2.93 -15.27
N GLY C 164 8.16 1.70 -15.80
CA GLY C 164 9.38 1.13 -16.34
C GLY C 164 9.86 1.83 -17.59
N ARG C 165 8.94 2.41 -18.36
CA ARG C 165 9.27 3.18 -19.54
C ARG C 165 9.57 4.64 -19.22
N GLY C 166 9.54 5.01 -17.95
CA GLY C 166 9.82 6.37 -17.55
C GLY C 166 8.74 7.36 -17.90
N GLU C 167 7.50 6.91 -18.05
CA GLU C 167 6.41 7.82 -18.37
C GLU C 167 5.84 8.50 -17.13
N GLY C 168 6.11 7.97 -15.94
CA GLY C 168 5.57 8.57 -14.73
C GLY C 168 6.40 8.14 -13.55
N ILE C 169 6.10 8.73 -12.38
CA ILE C 169 6.71 8.36 -11.10
C ILE C 169 5.58 8.15 -10.10
N GLU C 170 5.64 7.04 -9.35
CA GLU C 170 4.64 6.67 -8.36
C GLU C 170 5.21 6.92 -6.98
N ALA C 171 4.34 7.22 -6.02
CA ALA C 171 4.70 7.20 -4.62
C ALA C 171 3.63 6.50 -3.83
N GLN C 172 4.09 5.79 -2.81
CA GLN C 172 3.24 5.12 -1.83
C GLN C 172 3.59 5.65 -0.45
N ALA C 173 2.61 5.71 0.46
CA ALA C 173 2.92 6.16 1.80
C ALA C 173 2.04 5.44 2.83
N ALA C 174 2.56 5.35 4.06
CA ALA C 174 1.82 4.81 5.19
C ALA C 174 2.01 5.78 6.34
N ALA C 175 0.96 6.02 7.14
CA ALA C 175 1.08 6.91 8.28
C ALA C 175 0.37 6.34 9.48
N LEU C 176 1.00 6.47 10.64
CA LEU C 176 0.41 6.11 11.92
C LEU C 176 0.14 7.38 12.71
N VAL C 177 -1.09 7.53 13.20
CA VAL C 177 -1.45 8.67 14.07
C VAL C 177 -2.10 8.15 15.35
N VAL C 178 -2.30 9.03 16.33
CA VAL C 178 -2.99 8.64 17.56
C VAL C 178 -3.92 9.78 17.96
N ARG C 179 -5.13 9.44 18.41
CA ARG C 179 -6.07 10.45 18.87
C ARG C 179 -5.82 10.66 20.35
N GLU C 180 -5.34 11.84 20.71
CA GLU C 180 -4.94 12.14 22.08
C GLU C 180 -6.10 12.51 22.99
#